data_1V4P
#
_entry.id   1V4P
#
_cell.length_a   42.802
_cell.length_b   97.861
_cell.length_c   60.872
_cell.angle_alpha   90.00
_cell.angle_beta   96.51
_cell.angle_gamma   90.00
#
_symmetry.space_group_name_H-M   'P 1 21 1'
#
loop_
_entity.id
_entity.type
_entity.pdbx_description
1 polymer 'alanyl-tRNA synthetase'
2 non-polymer 'ZINC ION'
3 water water
#
_entity_poly.entity_id   1
_entity_poly.type   'polypeptide(L)'
_entity_poly.pdbx_seq_one_letter_code
;MYSIEVRTHSALHVVKGAVVKVLGSEAKWTYSTYVKGNKGVLIVKFDRKPSDEEIREIERLANEKVKENAPIKIYELPRE
EAEKMFGEDMYDLFPVPEDVRILKVVVIEDWNVNACNKEHTKTTGEIGPIKIRKVRFRKSKGLLEIHFELLELENPS
;
_entity_poly.pdbx_strand_id   A,B,C
#
loop_
_chem_comp.id
_chem_comp.type
_chem_comp.name
_chem_comp.formula
ZN non-polymer 'ZINC ION' 'Zn 2'
#
# COMPACT_ATOMS: atom_id res chain seq x y z
N MET A 1 -0.01 -36.88 -18.99
CA MET A 1 -1.00 -35.84 -19.40
C MET A 1 -1.49 -35.07 -18.19
N TYR A 2 -2.16 -33.95 -18.45
CA TYR A 2 -2.71 -33.13 -17.37
C TYR A 2 -4.14 -33.55 -17.07
N SER A 3 -4.46 -33.64 -15.79
CA SER A 3 -5.80 -34.03 -15.36
C SER A 3 -6.78 -32.97 -15.83
N ILE A 4 -8.04 -33.35 -15.94
CA ILE A 4 -9.07 -32.41 -16.38
C ILE A 4 -9.19 -31.25 -15.38
N GLU A 5 -8.89 -31.52 -14.11
CA GLU A 5 -8.97 -30.49 -13.08
C GLU A 5 -7.87 -29.44 -13.27
N VAL A 6 -6.64 -29.90 -13.51
CA VAL A 6 -5.52 -28.98 -13.71
C VAL A 6 -5.77 -28.14 -14.95
N ARG A 7 -6.32 -28.75 -15.99
CA ARG A 7 -6.61 -28.05 -17.22
C ARG A 7 -7.71 -27.02 -16.99
N THR A 8 -8.75 -27.42 -16.26
CA THR A 8 -9.86 -26.51 -15.96
C THR A 8 -9.42 -25.36 -15.07
N HIS A 9 -8.55 -25.63 -14.10
CA HIS A 9 -8.07 -24.56 -13.24
C HIS A 9 -7.23 -23.58 -14.06
N SER A 10 -6.41 -24.11 -14.94
CA SER A 10 -5.58 -23.25 -15.78
C SER A 10 -6.48 -22.36 -16.63
N ALA A 11 -7.61 -22.92 -17.05
CA ALA A 11 -8.58 -22.18 -17.87
C ALA A 11 -9.08 -20.94 -17.14
N LEU A 12 -9.14 -21.01 -15.81
CA LEU A 12 -9.62 -19.87 -15.02
C LEU A 12 -8.75 -18.63 -15.27
N HIS A 13 -7.45 -18.84 -15.41
CA HIS A 13 -6.53 -17.73 -15.66
C HIS A 13 -6.76 -17.17 -17.05
N VAL A 14 -7.03 -18.06 -18.01
CA VAL A 14 -7.28 -17.62 -19.38
C VAL A 14 -8.61 -16.87 -19.46
N VAL A 15 -9.63 -17.40 -18.79
CA VAL A 15 -10.93 -16.74 -18.80
C VAL A 15 -10.87 -15.39 -18.10
N LYS A 16 -10.14 -15.32 -16.99
CA LYS A 16 -10.00 -14.06 -16.26
C LYS A 16 -9.38 -13.00 -17.16
N GLY A 17 -8.35 -13.37 -17.91
CA GLY A 17 -7.72 -12.43 -18.81
C GLY A 17 -8.71 -11.90 -19.85
N ALA A 18 -9.52 -12.80 -20.39
CA ALA A 18 -10.52 -12.42 -21.40
C ALA A 18 -11.57 -11.50 -20.79
N VAL A 19 -11.96 -11.80 -19.55
CA VAL A 19 -12.94 -10.98 -18.84
C VAL A 19 -12.43 -9.55 -18.71
N VAL A 20 -11.17 -9.38 -18.31
CA VAL A 20 -10.62 -8.04 -18.17
C VAL A 20 -10.52 -7.35 -19.53
N LYS A 21 -10.15 -8.09 -20.57
CA LYS A 21 -10.05 -7.52 -21.91
C LYS A 21 -11.37 -6.96 -22.40
N VAL A 22 -12.46 -7.67 -22.13
CA VAL A 22 -13.79 -7.26 -22.58
C VAL A 22 -14.49 -6.27 -21.63
N LEU A 23 -14.52 -6.59 -20.35
CA LEU A 23 -15.21 -5.74 -19.38
C LEU A 23 -14.39 -4.60 -18.80
N GLY A 24 -13.07 -4.65 -18.94
CA GLY A 24 -12.25 -3.58 -18.42
C GLY A 24 -11.77 -3.75 -16.98
N SER A 25 -11.03 -2.75 -16.51
CA SER A 25 -10.48 -2.77 -15.16
C SER A 25 -11.50 -2.90 -14.04
N GLU A 26 -12.76 -2.58 -14.31
CA GLU A 26 -13.81 -2.68 -13.31
C GLU A 26 -14.06 -4.13 -12.89
N ALA A 27 -13.53 -5.06 -13.68
CA ALA A 27 -13.71 -6.48 -13.40
C ALA A 27 -12.41 -7.19 -13.04
N LYS A 28 -11.39 -6.41 -12.69
CA LYS A 28 -10.07 -6.98 -12.39
C LYS A 28 -9.88 -7.76 -11.09
N TRP A 29 -10.79 -7.62 -10.13
CA TRP A 29 -10.63 -8.31 -8.86
C TRP A 29 -11.46 -9.58 -8.72
N THR A 30 -10.77 -10.71 -8.60
CA THR A 30 -11.43 -12.00 -8.45
C THR A 30 -11.88 -12.21 -7.01
N TYR A 31 -13.15 -12.55 -6.83
CA TYR A 31 -13.70 -12.81 -5.52
C TYR A 31 -13.34 -14.25 -5.15
N SER A 32 -13.57 -15.18 -6.07
CA SER A 32 -13.25 -16.58 -5.85
C SER A 32 -13.29 -17.38 -7.14
N THR A 33 -12.76 -18.59 -7.08
CA THR A 33 -12.77 -19.51 -8.21
C THR A 33 -12.82 -20.91 -7.64
N TYR A 34 -13.34 -21.85 -8.41
CA TYR A 34 -13.39 -23.22 -7.98
C TYR A 34 -13.59 -24.14 -9.17
N VAL A 35 -13.10 -25.36 -9.04
CA VAL A 35 -13.17 -26.35 -10.11
C VAL A 35 -13.74 -27.65 -9.58
N LYS A 36 -14.58 -28.28 -10.39
CA LYS A 36 -15.18 -29.55 -10.06
C LYS A 36 -15.26 -30.31 -11.37
N GLY A 37 -14.35 -31.28 -11.54
CA GLY A 37 -14.33 -32.03 -12.78
C GLY A 37 -13.87 -31.12 -13.91
N ASN A 38 -14.64 -31.04 -14.98
CA ASN A 38 -14.31 -30.19 -16.12
C ASN A 38 -15.11 -28.89 -16.08
N LYS A 39 -15.63 -28.57 -14.91
CA LYS A 39 -16.42 -27.36 -14.74
C LYS A 39 -15.64 -26.35 -13.91
N GLY A 40 -15.55 -25.12 -14.42
CA GLY A 40 -14.85 -24.08 -13.71
C GLY A 40 -15.74 -22.88 -13.48
N VAL A 41 -15.54 -22.19 -12.37
CA VAL A 41 -16.33 -21.00 -12.07
C VAL A 41 -15.42 -19.87 -11.61
N LEU A 42 -15.56 -18.73 -12.28
CA LEU A 42 -14.79 -17.54 -11.96
C LEU A 42 -15.78 -16.50 -11.46
N ILE A 43 -15.53 -15.96 -10.28
CA ILE A 43 -16.40 -14.93 -9.73
C ILE A 43 -15.58 -13.67 -9.52
N VAL A 44 -15.98 -12.59 -10.16
CA VAL A 44 -15.28 -11.32 -10.03
C VAL A 44 -16.21 -10.24 -9.51
N LYS A 45 -15.62 -9.21 -8.90
CA LYS A 45 -16.41 -8.09 -8.43
C LYS A 45 -16.75 -7.33 -9.70
N PHE A 46 -18.03 -7.01 -9.88
CA PHE A 46 -18.47 -6.28 -11.06
C PHE A 46 -19.81 -5.62 -10.73
N ASP A 47 -20.28 -4.73 -11.60
CA ASP A 47 -21.52 -4.01 -11.32
C ASP A 47 -22.71 -4.17 -12.26
N ARG A 48 -22.64 -5.15 -13.16
CA ARG A 48 -23.74 -5.37 -14.10
C ARG A 48 -23.59 -6.71 -14.78
N LYS A 49 -24.67 -7.21 -15.38
CA LYS A 49 -24.60 -8.46 -16.10
C LYS A 49 -24.22 -8.13 -17.53
N PRO A 50 -23.10 -8.68 -18.02
CA PRO A 50 -22.67 -8.39 -19.39
C PRO A 50 -23.71 -8.85 -20.41
N SER A 51 -23.70 -8.23 -21.58
CA SER A 51 -24.63 -8.59 -22.65
C SER A 51 -24.19 -9.94 -23.20
N ASP A 52 -25.09 -10.60 -23.93
CA ASP A 52 -24.75 -11.89 -24.51
C ASP A 52 -23.57 -11.70 -25.47
N GLU A 53 -23.53 -10.54 -26.12
CA GLU A 53 -22.45 -10.23 -27.05
C GLU A 53 -21.12 -10.24 -26.29
N GLU A 54 -21.09 -9.52 -25.17
CA GLU A 54 -19.89 -9.45 -24.35
C GLU A 54 -19.48 -10.83 -23.87
N ILE A 55 -20.46 -11.64 -23.47
CA ILE A 55 -20.16 -12.99 -23.00
C ILE A 55 -19.54 -13.82 -24.12
N ARG A 56 -20.09 -13.69 -25.32
CA ARG A 56 -19.56 -14.43 -26.47
C ARG A 56 -18.15 -13.97 -26.80
N GLU A 57 -17.90 -12.67 -26.67
CA GLU A 57 -16.58 -12.11 -26.95
C GLU A 57 -15.57 -12.60 -25.92
N ILE A 58 -16.00 -12.75 -24.67
CA ILE A 58 -15.10 -13.23 -23.64
C ILE A 58 -14.71 -14.66 -24.00
N GLU A 59 -15.71 -15.44 -24.40
CA GLU A 59 -15.48 -16.84 -24.78
C GLU A 59 -14.56 -16.90 -25.99
N ARG A 60 -14.82 -16.05 -26.98
CA ARG A 60 -14.00 -16.02 -28.18
C ARG A 60 -12.54 -15.72 -27.85
N LEU A 61 -12.30 -14.66 -27.09
CA LEU A 61 -10.95 -14.27 -26.70
C LEU A 61 -10.25 -15.35 -25.89
N ALA A 62 -11.01 -16.04 -25.04
CA ALA A 62 -10.44 -17.11 -24.22
C ALA A 62 -9.96 -18.25 -25.12
N ASN A 63 -10.79 -18.65 -26.07
CA ASN A 63 -10.42 -19.73 -26.97
C ASN A 63 -9.27 -19.31 -27.87
N GLU A 64 -9.25 -18.04 -28.24
CA GLU A 64 -8.19 -17.51 -29.10
C GLU A 64 -6.87 -17.57 -28.34
N LYS A 65 -6.91 -17.31 -27.03
CA LYS A 65 -5.69 -17.36 -26.23
C LYS A 65 -5.22 -18.81 -26.11
N VAL A 66 -6.16 -19.73 -26.04
CA VAL A 66 -5.82 -21.15 -25.96
C VAL A 66 -5.19 -21.56 -27.29
N LYS A 67 -5.76 -21.07 -28.38
CA LYS A 67 -5.27 -21.38 -29.73
C LYS A 67 -3.86 -20.86 -29.92
N GLU A 68 -3.57 -19.70 -29.34
CA GLU A 68 -2.24 -19.10 -29.44
C GLU A 68 -1.20 -19.97 -28.75
N ASN A 69 -1.67 -20.86 -27.87
CA ASN A 69 -0.80 -21.77 -27.13
C ASN A 69 0.35 -21.02 -26.48
N ALA A 70 0.02 -20.01 -25.67
CA ALA A 70 1.01 -19.20 -24.98
C ALA A 70 1.50 -19.90 -23.72
N PRO A 71 2.74 -19.60 -23.30
CA PRO A 71 3.28 -20.23 -22.11
C PRO A 71 2.65 -19.69 -20.83
N ILE A 72 2.48 -20.56 -19.83
CA ILE A 72 1.93 -20.16 -18.54
C ILE A 72 3.11 -20.16 -17.59
N LYS A 73 3.68 -18.98 -17.39
CA LYS A 73 4.84 -18.79 -16.53
C LYS A 73 4.55 -18.83 -15.04
N ILE A 74 5.47 -19.44 -14.30
CA ILE A 74 5.32 -19.55 -12.85
C ILE A 74 6.49 -18.90 -12.14
N TYR A 75 6.19 -17.91 -11.31
CA TYR A 75 7.21 -17.21 -10.57
C TYR A 75 7.14 -17.50 -9.09
N GLU A 76 8.26 -17.94 -8.51
CA GLU A 76 8.32 -18.22 -7.09
C GLU A 76 9.24 -17.18 -6.50
N LEU A 77 8.64 -16.19 -5.85
CA LEU A 77 9.38 -15.07 -5.31
C LEU A 77 9.10 -14.66 -3.85
N PRO A 78 10.07 -13.98 -3.21
CA PRO A 78 9.82 -13.55 -1.83
C PRO A 78 8.71 -12.54 -2.00
N ARG A 79 7.76 -12.48 -1.07
CA ARG A 79 6.64 -11.56 -1.18
C ARG A 79 7.04 -10.13 -1.57
N GLU A 80 8.06 -9.58 -0.91
CA GLU A 80 8.51 -8.22 -1.22
C GLU A 80 8.92 -8.06 -2.67
N GLU A 81 9.62 -9.05 -3.21
CA GLU A 81 10.06 -8.99 -4.60
C GLU A 81 8.90 -9.13 -5.57
N ALA A 82 7.95 -10.00 -5.22
CA ALA A 82 6.79 -10.21 -6.07
C ALA A 82 6.01 -8.92 -6.19
N GLU A 83 5.87 -8.19 -5.10
CA GLU A 83 5.14 -6.93 -5.10
C GLU A 83 5.83 -5.88 -5.96
N LYS A 84 7.14 -5.80 -5.86
CA LYS A 84 7.89 -4.82 -6.65
C LYS A 84 7.81 -5.17 -8.14
N MET A 85 7.79 -6.46 -8.45
CA MET A 85 7.74 -6.92 -9.83
C MET A 85 6.36 -6.88 -10.49
N PHE A 86 5.34 -7.35 -9.79
CA PHE A 86 3.99 -7.41 -10.36
C PHE A 86 3.01 -6.40 -9.81
N GLY A 87 3.24 -5.92 -8.59
CA GLY A 87 2.34 -4.95 -8.01
C GLY A 87 1.03 -5.57 -7.55
N GLU A 88 0.08 -4.71 -7.21
CA GLU A 88 -1.24 -5.13 -6.74
C GLU A 88 -2.05 -6.04 -7.66
N ASP A 89 -1.82 -5.94 -8.96
CA ASP A 89 -2.58 -6.74 -9.92
C ASP A 89 -2.48 -8.26 -9.71
N MET A 90 -1.41 -8.70 -9.06
CA MET A 90 -1.23 -10.13 -8.83
C MET A 90 -2.20 -10.67 -7.78
N TYR A 91 -2.79 -9.78 -7.00
CA TYR A 91 -3.71 -10.20 -5.95
C TYR A 91 -5.14 -10.36 -6.41
N ASP A 92 -5.90 -11.08 -5.59
CA ASP A 92 -7.33 -11.25 -5.83
C ASP A 92 -7.99 -10.19 -4.95
N LEU A 93 -9.31 -10.15 -4.92
CA LEU A 93 -10.01 -9.17 -4.10
C LEU A 93 -9.49 -9.15 -2.67
N PHE A 94 -9.25 -10.35 -2.13
CA PHE A 94 -8.71 -10.47 -0.79
C PHE A 94 -7.23 -10.89 -0.92
N PRO A 95 -6.31 -9.94 -0.70
CA PRO A 95 -4.89 -10.23 -0.80
C PRO A 95 -4.42 -11.38 0.09
N VAL A 96 -3.43 -12.11 -0.40
CA VAL A 96 -2.86 -13.23 0.35
C VAL A 96 -2.49 -12.75 1.75
N PRO A 97 -2.88 -13.50 2.79
CA PRO A 97 -2.55 -13.10 4.16
C PRO A 97 -1.06 -12.81 4.33
N GLU A 98 -0.74 -11.84 5.19
CA GLU A 98 0.63 -11.42 5.41
C GLU A 98 1.60 -12.43 6.01
N ASP A 99 1.09 -13.55 6.50
CA ASP A 99 1.97 -14.56 7.08
C ASP A 99 2.61 -15.41 5.98
N VAL A 100 2.13 -15.24 4.75
CA VAL A 100 2.68 -15.96 3.60
C VAL A 100 3.78 -15.06 3.07
N ARG A 101 5.03 -15.48 3.20
CA ARG A 101 6.16 -14.66 2.78
C ARG A 101 6.81 -15.03 1.46
N ILE A 102 6.35 -16.12 0.85
CA ILE A 102 6.85 -16.57 -0.45
C ILE A 102 5.63 -16.71 -1.33
N LEU A 103 5.67 -16.13 -2.52
CA LEU A 103 4.54 -16.21 -3.43
C LEU A 103 4.87 -16.86 -4.76
N LYS A 104 3.93 -17.66 -5.25
CA LYS A 104 4.06 -18.29 -6.56
C LYS A 104 3.10 -17.46 -7.40
N VAL A 105 3.63 -16.87 -8.46
CA VAL A 105 2.82 -16.03 -9.33
C VAL A 105 2.71 -16.59 -10.73
N VAL A 106 1.48 -16.77 -11.18
CA VAL A 106 1.22 -17.28 -12.51
C VAL A 106 1.14 -16.11 -13.49
N VAL A 107 1.83 -16.24 -14.61
CA VAL A 107 1.82 -15.16 -15.58
C VAL A 107 1.57 -15.61 -17.01
N ILE A 108 0.54 -15.05 -17.62
CA ILE A 108 0.24 -15.30 -19.02
C ILE A 108 0.45 -13.91 -19.59
N GLU A 109 1.58 -13.71 -20.25
CA GLU A 109 1.97 -12.42 -20.82
C GLU A 109 0.87 -11.54 -21.37
N ASP A 110 0.80 -10.32 -20.85
CA ASP A 110 -0.19 -9.33 -21.27
C ASP A 110 -1.59 -9.91 -21.26
N TRP A 111 -1.86 -10.75 -20.27
CA TRP A 111 -3.18 -11.39 -20.18
C TRP A 111 -3.64 -11.53 -18.75
N ASN A 112 -2.84 -12.18 -17.92
CA ASN A 112 -3.18 -12.37 -16.52
C ASN A 112 -1.96 -12.61 -15.64
N VAL A 113 -1.96 -11.98 -14.47
CA VAL A 113 -0.90 -12.11 -13.48
C VAL A 113 -1.65 -12.41 -12.18
N ASN A 114 -1.33 -13.53 -11.54
CA ASN A 114 -2.07 -13.90 -10.34
C ASN A 114 -1.26 -14.77 -9.37
N ALA A 115 -1.28 -14.38 -8.10
CA ALA A 115 -0.61 -15.14 -7.05
C ALA A 115 -1.49 -16.37 -6.88
N CYS A 116 -0.95 -17.53 -7.18
CA CYS A 116 -1.69 -18.79 -7.10
C CYS A 116 -0.75 -19.95 -6.84
N ASN A 117 -1.08 -20.80 -5.87
CA ASN A 117 -0.22 -21.93 -5.53
C ASN A 117 -0.68 -23.27 -6.10
N LYS A 118 -1.63 -23.25 -7.03
CA LYS A 118 -2.12 -24.49 -7.62
C LYS A 118 -1.28 -24.95 -8.81
N GLU A 119 -1.61 -26.12 -9.34
CA GLU A 119 -0.87 -26.66 -10.49
C GLU A 119 -1.53 -26.21 -11.79
N HIS A 120 -0.71 -25.94 -12.80
CA HIS A 120 -1.22 -25.51 -14.10
C HIS A 120 -0.58 -26.30 -15.23
N THR A 121 -1.14 -26.13 -16.43
CA THR A 121 -0.61 -26.78 -17.61
C THR A 121 0.58 -25.90 -17.99
N LYS A 122 1.46 -26.39 -18.86
CA LYS A 122 2.62 -25.60 -19.24
C LYS A 122 2.27 -24.51 -20.26
N THR A 123 1.28 -24.77 -21.09
CA THR A 123 0.84 -23.81 -22.10
C THR A 123 -0.68 -23.75 -22.15
N THR A 124 -1.21 -22.68 -22.72
CA THR A 124 -2.65 -22.51 -22.82
C THR A 124 -3.28 -23.46 -23.82
N GLY A 125 -2.46 -23.97 -24.75
CA GLY A 125 -2.97 -24.89 -25.75
C GLY A 125 -3.37 -26.23 -25.16
N GLU A 126 -2.79 -26.55 -24.01
CA GLU A 126 -3.08 -27.81 -23.34
C GLU A 126 -4.40 -27.77 -22.59
N ILE A 127 -5.02 -26.61 -22.54
CA ILE A 127 -6.31 -26.45 -21.86
C ILE A 127 -7.43 -27.00 -22.74
N GLY A 128 -7.49 -26.51 -23.98
CA GLY A 128 -8.51 -26.96 -24.90
C GLY A 128 -9.68 -26.00 -25.01
N PRO A 129 -10.64 -26.29 -25.91
CA PRO A 129 -11.82 -25.45 -26.11
C PRO A 129 -12.63 -25.20 -24.84
N ILE A 130 -13.03 -23.95 -24.65
CA ILE A 130 -13.80 -23.56 -23.47
C ILE A 130 -15.19 -23.08 -23.89
N LYS A 131 -16.19 -23.46 -23.11
CA LYS A 131 -17.56 -23.07 -23.40
C LYS A 131 -18.21 -22.47 -22.15
N ILE A 132 -18.66 -21.23 -22.27
CA ILE A 132 -19.33 -20.56 -21.15
C ILE A 132 -20.77 -21.05 -21.13
N ARG A 133 -21.17 -21.69 -20.04
CA ARG A 133 -22.51 -22.24 -19.91
C ARG A 133 -23.50 -21.32 -19.22
N LYS A 134 -23.06 -20.69 -18.13
CA LYS A 134 -23.93 -19.81 -17.37
C LYS A 134 -23.22 -18.58 -16.82
N VAL A 135 -23.94 -17.47 -16.78
CA VAL A 135 -23.41 -16.21 -16.27
C VAL A 135 -24.47 -15.65 -15.34
N ARG A 136 -24.09 -15.33 -14.11
CA ARG A 136 -25.03 -14.80 -13.14
C ARG A 136 -24.49 -13.57 -12.43
N PHE A 137 -25.31 -12.53 -12.37
CA PHE A 137 -24.92 -11.31 -11.69
C PHE A 137 -25.70 -11.14 -10.39
N ARG A 138 -24.98 -11.00 -9.29
CA ARG A 138 -25.59 -10.81 -7.98
C ARG A 138 -25.46 -9.32 -7.68
N LYS A 139 -26.53 -8.58 -7.89
CA LYS A 139 -26.54 -7.14 -7.71
C LYS A 139 -26.19 -6.62 -6.31
N SER A 140 -26.84 -7.17 -5.29
CA SER A 140 -26.58 -6.72 -3.93
C SER A 140 -25.12 -6.87 -3.53
N LYS A 141 -24.54 -8.01 -3.88
CA LYS A 141 -23.14 -8.29 -3.54
C LYS A 141 -22.14 -7.75 -4.56
N GLY A 142 -22.62 -7.37 -5.74
CA GLY A 142 -21.73 -6.86 -6.76
C GLY A 142 -20.76 -7.93 -7.22
N LEU A 143 -21.29 -9.12 -7.48
CA LEU A 143 -20.48 -10.25 -7.93
C LEU A 143 -20.98 -10.81 -9.25
N LEU A 144 -20.06 -11.10 -10.16
CA LEU A 144 -20.40 -11.67 -11.46
C LEU A 144 -19.78 -13.06 -11.55
N GLU A 145 -20.63 -14.07 -11.71
CA GLU A 145 -20.19 -15.45 -11.81
C GLU A 145 -20.17 -15.90 -13.26
N ILE A 146 -19.06 -16.50 -13.68
CA ILE A 146 -18.94 -17.01 -15.03
C ILE A 146 -18.66 -18.50 -14.93
N HIS A 147 -19.65 -19.30 -15.32
CA HIS A 147 -19.55 -20.75 -15.27
C HIS A 147 -19.20 -21.26 -16.67
N PHE A 148 -18.13 -22.05 -16.76
CA PHE A 148 -17.72 -22.60 -18.05
C PHE A 148 -17.36 -24.07 -17.95
N GLU A 149 -17.28 -24.71 -19.11
CA GLU A 149 -16.93 -26.13 -19.17
C GLU A 149 -15.78 -26.32 -20.14
N LEU A 150 -14.87 -27.21 -19.79
CA LEU A 150 -13.73 -27.49 -20.65
C LEU A 150 -14.11 -28.70 -21.50
N LEU A 151 -14.31 -28.46 -22.78
CA LEU A 151 -14.70 -29.52 -23.72
C LEU A 151 -13.52 -30.41 -24.05
N MET B 1 -1.23 35.04 -5.54
CA MET B 1 -1.04 34.22 -4.31
C MET B 1 -1.42 32.76 -4.58
N TYR B 2 -0.48 31.85 -4.35
CA TYR B 2 -0.74 30.43 -4.56
C TYR B 2 -1.24 29.75 -3.30
N SER B 3 -2.02 28.70 -3.48
CA SER B 3 -2.58 27.95 -2.35
C SER B 3 -1.43 27.35 -1.55
N ILE B 4 -1.68 27.06 -0.28
CA ILE B 4 -0.65 26.48 0.56
C ILE B 4 -0.18 25.13 0.02
N GLU B 5 -1.10 24.33 -0.52
CA GLU B 5 -0.70 23.03 -1.05
C GLU B 5 0.19 23.14 -2.28
N VAL B 6 -0.07 24.13 -3.13
CA VAL B 6 0.77 24.30 -4.32
C VAL B 6 2.15 24.73 -3.85
N ARG B 7 2.21 25.55 -2.80
CA ARG B 7 3.48 25.99 -2.26
C ARG B 7 4.23 24.82 -1.62
N THR B 8 3.50 24.00 -0.86
CA THR B 8 4.10 22.84 -0.20
C THR B 8 4.62 21.85 -1.23
N HIS B 9 3.85 21.61 -2.28
CA HIS B 9 4.29 20.69 -3.32
C HIS B 9 5.53 21.26 -3.99
N SER B 10 5.53 22.56 -4.24
CA SER B 10 6.69 23.19 -4.88
C SER B 10 7.90 23.00 -3.98
N ALA B 11 7.68 23.07 -2.67
CA ALA B 11 8.75 22.91 -1.71
C ALA B 11 9.38 21.52 -1.79
N LEU B 12 8.62 20.53 -2.27
CA LEU B 12 9.18 19.18 -2.42
C LEU B 12 10.41 19.21 -3.33
N HIS B 13 10.32 19.96 -4.41
CA HIS B 13 11.42 20.07 -5.35
C HIS B 13 12.61 20.80 -4.73
N VAL B 14 12.32 21.81 -3.92
CA VAL B 14 13.37 22.56 -3.26
C VAL B 14 14.06 21.68 -2.20
N VAL B 15 13.26 20.97 -1.41
CA VAL B 15 13.82 20.09 -0.38
C VAL B 15 14.64 18.96 -1.00
N LYS B 16 14.15 18.38 -2.09
CA LYS B 16 14.90 17.31 -2.75
C LYS B 16 16.27 17.81 -3.20
N GLY B 17 16.30 19.00 -3.81
CA GLY B 17 17.58 19.56 -4.25
C GLY B 17 18.54 19.74 -3.09
N ALA B 18 18.01 20.19 -1.96
CA ALA B 18 18.85 20.39 -0.78
C ALA B 18 19.37 19.07 -0.25
N VAL B 19 18.53 18.04 -0.31
CA VAL B 19 18.93 16.71 0.15
C VAL B 19 20.12 16.20 -0.65
N VAL B 20 20.08 16.40 -1.96
CA VAL B 20 21.18 15.95 -2.80
C VAL B 20 22.43 16.78 -2.58
N LYS B 21 22.28 18.08 -2.34
CA LYS B 21 23.44 18.92 -2.09
C LYS B 21 24.17 18.44 -0.83
N VAL B 22 23.40 18.15 0.21
CA VAL B 22 24.00 17.73 1.48
C VAL B 22 24.43 16.26 1.51
N LEU B 23 23.58 15.36 1.04
CA LEU B 23 23.89 13.94 1.09
C LEU B 23 24.58 13.32 -0.13
N GLY B 24 24.55 14.03 -1.26
CA GLY B 24 25.21 13.51 -2.44
C GLY B 24 24.33 12.66 -3.33
N SER B 25 24.93 12.14 -4.39
CA SER B 25 24.22 11.31 -5.36
C SER B 25 23.62 10.03 -4.80
N GLU B 26 24.11 9.59 -3.64
CA GLU B 26 23.58 8.37 -3.04
C GLU B 26 22.12 8.54 -2.64
N ALA B 27 21.68 9.79 -2.56
CA ALA B 27 20.29 10.09 -2.17
C ALA B 27 19.48 10.72 -3.31
N LYS B 28 19.94 10.55 -4.54
CA LYS B 28 19.29 11.15 -5.70
C LYS B 28 17.96 10.52 -6.13
N TRP B 29 17.67 9.31 -5.69
CA TRP B 29 16.44 8.66 -6.10
C TRP B 29 15.24 8.86 -5.19
N THR B 30 14.22 9.54 -5.68
CA THR B 30 13.01 9.76 -4.92
C THR B 30 12.15 8.51 -5.03
N TYR B 31 11.66 8.06 -3.87
CA TYR B 31 10.81 6.89 -3.80
C TYR B 31 9.36 7.35 -3.88
N SER B 32 9.01 8.32 -3.05
CA SER B 32 7.64 8.84 -3.03
C SER B 32 7.56 10.21 -2.37
N THR B 33 6.44 10.89 -2.58
CA THR B 33 6.21 12.19 -1.96
C THR B 33 4.74 12.26 -1.60
N TYR B 34 4.44 13.13 -0.64
CA TYR B 34 3.08 13.32 -0.20
C TYR B 34 2.91 14.71 0.40
N VAL B 35 1.79 15.34 0.10
CA VAL B 35 1.49 16.68 0.60
C VAL B 35 0.04 16.80 1.07
N LYS B 36 -0.16 17.53 2.15
CA LYS B 36 -1.49 17.79 2.67
C LYS B 36 -1.38 19.09 3.44
N GLY B 37 -2.06 20.12 2.95
CA GLY B 37 -1.99 21.41 3.61
C GLY B 37 -0.58 21.95 3.52
N ASN B 38 -0.06 22.40 4.65
CA ASN B 38 1.28 22.97 4.71
C ASN B 38 2.32 21.94 5.13
N LYS B 39 1.98 20.66 5.06
CA LYS B 39 2.91 19.62 5.47
C LYS B 39 3.25 18.70 4.31
N GLY B 40 4.53 18.39 4.17
CA GLY B 40 4.95 17.53 3.10
C GLY B 40 5.91 16.47 3.58
N VAL B 41 6.04 15.42 2.78
CA VAL B 41 6.94 14.32 3.08
C VAL B 41 7.65 13.93 1.80
N LEU B 42 8.99 13.85 1.87
CA LEU B 42 9.80 13.43 0.73
C LEU B 42 10.51 12.17 1.18
N ILE B 43 10.39 11.11 0.41
CA ILE B 43 11.06 9.87 0.75
C ILE B 43 12.02 9.51 -0.37
N VAL B 44 13.29 9.35 -0.02
CA VAL B 44 14.31 8.99 -1.01
C VAL B 44 15.00 7.72 -0.59
N LYS B 45 15.66 7.07 -1.54
CA LYS B 45 16.40 5.86 -1.25
C LYS B 45 17.73 6.34 -0.66
N PHE B 46 18.13 5.77 0.47
CA PHE B 46 19.39 6.15 1.09
C PHE B 46 19.83 4.99 1.98
N ASP B 47 21.07 5.04 2.47
CA ASP B 47 21.60 3.95 3.28
C ASP B 47 22.05 4.24 4.70
N ARG B 48 21.73 5.42 5.22
CA ARG B 48 22.13 5.73 6.60
C ARG B 48 21.34 6.87 7.22
N LYS B 49 21.40 6.94 8.54
CA LYS B 49 20.71 7.97 9.31
C LYS B 49 21.54 9.25 9.28
N PRO B 50 21.04 10.29 8.63
CA PRO B 50 21.79 11.55 8.58
C PRO B 50 22.07 12.09 9.97
N SER B 51 23.14 12.85 10.10
CA SER B 51 23.50 13.44 11.39
C SER B 51 22.67 14.70 11.59
N ASP B 52 22.61 15.20 12.81
CA ASP B 52 21.85 16.41 13.08
C ASP B 52 22.43 17.58 12.29
N GLU B 53 23.74 17.54 12.06
CA GLU B 53 24.39 18.61 11.31
C GLU B 53 23.92 18.60 9.86
N GLU B 54 23.82 17.41 9.27
CA GLU B 54 23.36 17.28 7.89
C GLU B 54 21.91 17.72 7.78
N ILE B 55 21.10 17.31 8.75
CA ILE B 55 19.69 17.68 8.74
C ILE B 55 19.56 19.20 8.80
N ARG B 56 20.35 19.83 9.67
CA ARG B 56 20.33 21.27 9.80
C ARG B 56 20.74 21.93 8.48
N GLU B 57 21.73 21.35 7.82
CA GLU B 57 22.24 21.89 6.55
C GLU B 57 21.20 21.77 5.44
N ILE B 58 20.47 20.65 5.42
CA ILE B 58 19.43 20.47 4.40
C ILE B 58 18.40 21.59 4.56
N GLU B 59 18.03 21.87 5.80
CA GLU B 59 17.07 22.92 6.08
C GLU B 59 17.63 24.27 5.65
N ARG B 60 18.90 24.52 5.98
CA ARG B 60 19.53 25.78 5.62
C ARG B 60 19.58 26.00 4.11
N LEU B 61 20.03 24.99 3.37
CA LEU B 61 20.12 25.12 1.93
C LEU B 61 18.75 25.26 1.27
N ALA B 62 17.75 24.56 1.80
CA ALA B 62 16.41 24.66 1.24
C ALA B 62 15.90 26.09 1.36
N ASN B 63 16.10 26.70 2.52
CA ASN B 63 15.66 28.07 2.71
C ASN B 63 16.50 29.06 1.93
N GLU B 64 17.77 28.71 1.72
CA GLU B 64 18.67 29.56 0.93
C GLU B 64 18.13 29.63 -0.49
N LYS B 65 17.70 28.48 -1.02
CA LYS B 65 17.16 28.43 -2.37
C LYS B 65 15.86 29.22 -2.45
N VAL B 66 15.08 29.21 -1.38
CA VAL B 66 13.83 29.95 -1.35
C VAL B 66 14.14 31.45 -1.41
N LYS B 67 15.12 31.89 -0.62
CA LYS B 67 15.49 33.31 -0.61
C LYS B 67 16.06 33.80 -1.94
N GLU B 68 16.67 32.87 -2.69
CA GLU B 68 17.25 33.22 -3.98
C GLU B 68 16.17 33.56 -4.99
N ASN B 69 14.94 33.12 -4.72
CA ASN B 69 13.80 33.37 -5.60
C ASN B 69 14.08 32.93 -7.03
N ALA B 70 14.55 31.69 -7.19
CA ALA B 70 14.86 31.14 -8.49
C ALA B 70 13.61 30.65 -9.21
N PRO B 71 13.60 30.76 -10.55
CA PRO B 71 12.42 30.30 -11.29
C PRO B 71 12.28 28.78 -11.29
N ILE B 72 11.03 28.30 -11.30
CA ILE B 72 10.76 26.87 -11.36
C ILE B 72 10.30 26.68 -12.80
N LYS B 73 11.24 26.21 -13.63
CA LYS B 73 11.00 26.03 -15.06
C LYS B 73 10.27 24.74 -15.41
N ILE B 74 9.37 24.84 -16.38
CA ILE B 74 8.58 23.69 -16.81
C ILE B 74 8.76 23.47 -18.32
N TYR B 75 9.11 22.26 -18.71
CA TYR B 75 9.28 21.92 -20.12
C TYR B 75 8.34 20.78 -20.47
N GLU B 76 7.52 20.97 -21.49
CA GLU B 76 6.62 19.92 -21.94
C GLU B 76 7.31 19.34 -23.16
N LEU B 77 7.59 18.04 -23.13
CA LEU B 77 8.33 17.40 -24.21
C LEU B 77 7.93 15.97 -24.50
N PRO B 78 8.28 15.49 -25.70
CA PRO B 78 7.95 14.10 -26.04
C PRO B 78 8.80 13.32 -25.02
N ARG B 79 8.28 12.23 -24.50
CA ARG B 79 9.01 11.46 -23.50
C ARG B 79 10.43 11.09 -23.90
N GLU B 80 10.62 10.60 -25.12
CA GLU B 80 11.96 10.23 -25.54
C GLU B 80 12.91 11.43 -25.69
N GLU B 81 12.35 12.61 -25.96
CA GLU B 81 13.19 13.80 -26.08
C GLU B 81 13.61 14.23 -24.68
N ALA B 82 12.70 14.11 -23.72
CA ALA B 82 13.00 14.48 -22.34
C ALA B 82 14.12 13.57 -21.85
N GLU B 83 14.07 12.31 -22.24
CA GLU B 83 15.11 11.36 -21.82
C GLU B 83 16.45 11.71 -22.43
N LYS B 84 16.45 12.13 -23.69
CA LYS B 84 17.71 12.52 -24.34
C LYS B 84 18.30 13.76 -23.67
N MET B 85 17.42 14.68 -23.29
CA MET B 85 17.86 15.93 -22.68
C MET B 85 18.23 15.87 -21.20
N PHE B 86 17.49 15.09 -20.43
CA PHE B 86 17.71 15.02 -18.99
C PHE B 86 18.21 13.70 -18.43
N GLY B 87 18.01 12.61 -19.16
CA GLY B 87 18.45 11.32 -18.68
C GLY B 87 17.53 10.76 -17.61
N GLU B 88 17.92 9.62 -17.05
CA GLU B 88 17.12 8.94 -16.02
C GLU B 88 16.90 9.70 -14.73
N ASP B 89 17.74 10.68 -14.42
CA ASP B 89 17.58 11.42 -13.17
C ASP B 89 16.29 12.21 -13.04
N MET B 90 15.58 12.42 -14.13
CA MET B 90 14.32 13.17 -14.07
C MET B 90 13.19 12.33 -13.50
N TYR B 91 13.40 11.02 -13.42
CA TYR B 91 12.37 10.12 -12.90
C TYR B 91 12.53 9.80 -11.43
N ASP B 92 11.42 9.43 -10.79
CA ASP B 92 11.49 8.97 -9.41
C ASP B 92 11.51 7.46 -9.62
N LEU B 93 11.41 6.68 -8.55
CA LEU B 93 11.47 5.23 -8.70
C LEU B 93 10.19 4.55 -9.22
N PHE B 94 9.17 5.34 -9.52
CA PHE B 94 7.92 4.82 -10.05
C PHE B 94 7.46 5.60 -11.28
N PRO B 95 8.25 5.56 -12.36
CA PRO B 95 7.88 6.29 -13.58
C PRO B 95 6.52 5.87 -14.11
N VAL B 96 5.80 6.82 -14.69
CA VAL B 96 4.48 6.53 -15.23
C VAL B 96 4.59 5.52 -16.38
N PRO B 97 3.49 4.82 -16.69
CA PRO B 97 3.49 3.83 -17.78
C PRO B 97 4.10 4.39 -19.06
N GLU B 98 4.84 3.54 -19.79
CA GLU B 98 5.49 3.97 -21.02
C GLU B 98 4.51 4.42 -22.11
N ASP B 99 3.22 4.15 -21.91
CA ASP B 99 2.21 4.54 -22.88
C ASP B 99 2.03 6.06 -22.86
N VAL B 100 2.53 6.70 -21.82
CA VAL B 100 2.44 8.16 -21.70
C VAL B 100 3.61 8.73 -22.49
N ARG B 101 3.32 9.40 -23.60
CA ARG B 101 4.35 9.93 -24.47
C ARG B 101 4.68 11.41 -24.29
N ILE B 102 3.91 12.10 -23.47
CA ILE B 102 4.15 13.51 -23.21
C ILE B 102 4.50 13.68 -21.75
N LEU B 103 5.62 14.36 -21.48
CA LEU B 103 6.05 14.58 -20.11
C LEU B 103 6.29 16.06 -19.82
N LYS B 104 6.05 16.45 -18.57
CA LYS B 104 6.33 17.80 -18.14
C LYS B 104 7.51 17.61 -17.20
N VAL B 105 8.58 18.36 -17.44
CA VAL B 105 9.78 18.26 -16.62
C VAL B 105 10.01 19.57 -15.89
N VAL B 106 10.11 19.48 -14.57
CA VAL B 106 10.33 20.64 -13.72
C VAL B 106 11.83 20.79 -13.48
N VAL B 107 12.33 21.99 -13.67
CA VAL B 107 13.74 22.24 -13.46
C VAL B 107 14.02 23.48 -12.63
N ILE B 108 14.83 23.29 -11.59
CA ILE B 108 15.28 24.41 -10.77
C ILE B 108 16.77 24.26 -11.04
N GLU B 109 17.35 25.23 -11.75
CA GLU B 109 18.75 25.17 -12.15
C GLU B 109 19.73 24.79 -11.06
N ASP B 110 20.65 23.89 -11.39
CA ASP B 110 21.68 23.43 -10.47
C ASP B 110 21.05 23.06 -9.14
N TRP B 111 19.90 22.38 -9.20
CA TRP B 111 19.21 22.01 -7.98
C TRP B 111 18.38 20.74 -8.12
N ASN B 112 17.44 20.74 -9.06
CA ASN B 112 16.58 19.57 -9.23
C ASN B 112 15.93 19.50 -10.61
N VAL B 113 15.80 18.27 -11.11
CA VAL B 113 15.16 17.99 -12.39
C VAL B 113 14.21 16.84 -12.11
N ASN B 114 12.92 17.03 -12.39
CA ASN B 114 11.95 15.97 -12.10
C ASN B 114 10.70 16.01 -12.98
N ALA B 115 10.33 14.86 -13.53
CA ALA B 115 9.14 14.74 -14.37
C ALA B 115 7.97 14.88 -13.39
N CYS B 116 7.18 15.94 -13.56
CA CYS B 116 6.06 16.20 -12.67
C CYS B 116 4.97 17.00 -13.38
N ASN B 117 3.72 16.55 -13.24
CA ASN B 117 2.58 17.21 -13.89
C ASN B 117 1.75 18.11 -13.00
N LYS B 118 2.16 18.28 -11.76
CA LYS B 118 1.42 19.11 -10.82
C LYS B 118 1.66 20.60 -10.99
N GLU B 119 0.88 21.40 -10.27
CA GLU B 119 1.02 22.85 -10.33
C GLU B 119 2.09 23.32 -9.35
N HIS B 120 2.84 24.33 -9.78
CA HIS B 120 3.91 24.89 -8.94
C HIS B 120 3.82 26.41 -8.90
N THR B 121 4.56 26.99 -7.96
CA THR B 121 4.65 28.43 -7.86
C THR B 121 5.59 28.77 -9.02
N LYS B 122 5.65 30.04 -9.41
CA LYS B 122 6.53 30.41 -10.53
C LYS B 122 7.99 30.49 -10.09
N THR B 123 8.22 30.89 -8.83
CA THR B 123 9.57 30.99 -8.31
C THR B 123 9.65 30.37 -6.93
N THR B 124 10.86 30.04 -6.49
CA THR B 124 11.06 29.43 -5.17
C THR B 124 10.75 30.37 -4.01
N GLY B 125 10.86 31.67 -4.25
CA GLY B 125 10.59 32.64 -3.19
C GLY B 125 9.14 32.66 -2.74
N GLU B 126 8.24 32.29 -3.63
CA GLU B 126 6.81 32.26 -3.33
C GLU B 126 6.45 31.11 -2.39
N ILE B 127 7.39 30.20 -2.18
CA ILE B 127 7.17 29.06 -1.30
C ILE B 127 7.15 29.50 0.16
N GLY B 128 8.10 30.35 0.54
CA GLY B 128 8.17 30.82 1.91
C GLY B 128 9.08 29.94 2.75
N PRO B 129 9.31 30.29 4.02
CA PRO B 129 10.18 29.51 4.92
C PRO B 129 9.78 28.05 5.04
N ILE B 130 10.77 27.18 5.04
CA ILE B 130 10.56 25.74 5.17
C ILE B 130 11.20 25.26 6.46
N LYS B 131 10.48 24.45 7.22
CA LYS B 131 11.01 23.92 8.45
C LYS B 131 11.04 22.40 8.35
N ILE B 132 12.23 21.82 8.52
CA ILE B 132 12.35 20.37 8.46
C ILE B 132 11.90 19.85 9.81
N ARG B 133 10.96 18.92 9.76
CA ARG B 133 10.42 18.31 10.97
C ARG B 133 11.19 17.04 11.28
N LYS B 134 10.51 15.91 11.29
CA LYS B 134 11.17 14.65 11.55
C LYS B 134 11.87 14.09 10.34
N VAL B 135 13.01 13.45 10.58
CA VAL B 135 13.78 12.80 9.53
C VAL B 135 13.91 11.38 10.03
N ARG B 136 13.46 10.42 9.24
CA ARG B 136 13.50 9.02 9.66
C ARG B 136 14.13 8.10 8.63
N PHE B 137 15.14 7.37 9.08
CA PHE B 137 15.82 6.42 8.23
C PHE B 137 15.26 5.04 8.57
N ARG B 138 14.73 4.36 7.57
CA ARG B 138 14.17 3.03 7.75
C ARG B 138 15.16 2.07 7.11
N LYS B 139 16.15 1.69 7.91
CA LYS B 139 17.24 0.81 7.48
C LYS B 139 16.82 -0.43 6.69
N SER B 140 15.88 -1.20 7.23
CA SER B 140 15.43 -2.41 6.56
C SER B 140 14.85 -2.14 5.19
N LYS B 141 14.40 -0.91 4.95
CA LYS B 141 13.81 -0.56 3.66
C LYS B 141 14.74 0.29 2.80
N GLY B 142 15.80 0.81 3.40
CA GLY B 142 16.74 1.64 2.65
C GLY B 142 16.04 2.91 2.21
N LEU B 143 15.17 3.42 3.06
CA LEU B 143 14.41 4.63 2.76
C LEU B 143 14.63 5.72 3.80
N LEU B 144 14.75 6.96 3.33
CA LEU B 144 14.93 8.11 4.21
C LEU B 144 13.77 9.07 4.03
N GLU B 145 13.06 9.36 5.12
CA GLU B 145 11.93 10.27 5.07
C GLU B 145 12.27 11.64 5.61
N ILE B 146 11.88 12.67 4.88
CA ILE B 146 12.10 14.04 5.31
C ILE B 146 10.73 14.69 5.43
N HIS B 147 10.31 14.93 6.66
CA HIS B 147 9.02 15.56 6.91
C HIS B 147 9.26 17.05 7.09
N PHE B 148 8.51 17.87 6.38
CA PHE B 148 8.69 19.31 6.48
C PHE B 148 7.37 20.06 6.47
N GLU B 149 7.42 21.34 6.83
CA GLU B 149 6.21 22.15 6.86
C GLU B 149 6.51 23.59 6.48
N LEU B 150 5.51 24.25 5.91
CA LEU B 150 5.62 25.66 5.53
C LEU B 150 4.83 26.49 6.53
N LEU B 151 5.02 27.81 6.49
CA LEU B 151 4.30 28.71 7.38
C LEU B 151 2.94 29.08 6.79
N MET C 1 -15.33 16.01 22.66
CA MET C 1 -14.83 14.80 23.39
C MET C 1 -15.24 13.56 22.62
N TYR C 2 -14.62 12.43 22.95
CA TYR C 2 -14.93 11.18 22.26
C TYR C 2 -15.57 10.17 23.21
N SER C 3 -16.43 9.33 22.64
CA SER C 3 -17.13 8.32 23.41
C SER C 3 -16.15 7.30 23.96
N ILE C 4 -16.59 6.57 24.98
CA ILE C 4 -15.75 5.55 25.60
C ILE C 4 -15.33 4.52 24.56
N GLU C 5 -16.21 4.18 23.62
CA GLU C 5 -15.85 3.18 22.62
C GLU C 5 -14.83 3.69 21.60
N VAL C 6 -14.86 4.98 21.28
CA VAL C 6 -13.90 5.53 20.35
C VAL C 6 -12.55 5.59 21.05
N ARG C 7 -12.57 5.89 22.34
CA ARG C 7 -11.33 5.92 23.11
C ARG C 7 -10.75 4.51 23.22
N THR C 8 -11.61 3.52 23.48
CA THR C 8 -11.16 2.14 23.59
C THR C 8 -10.59 1.67 22.26
N HIS C 9 -11.25 2.03 21.17
CA HIS C 9 -10.76 1.64 19.87
C HIS C 9 -9.40 2.27 19.62
N SER C 10 -9.25 3.55 19.96
CA SER C 10 -7.99 4.23 19.77
C SER C 10 -6.90 3.54 20.58
N ALA C 11 -7.27 3.03 21.76
CA ALA C 11 -6.32 2.35 22.62
C ALA C 11 -5.79 1.10 21.92
N LEU C 12 -6.56 0.50 21.03
CA LEU C 12 -6.09 -0.68 20.31
C LEU C 12 -4.80 -0.39 19.58
N HIS C 13 -4.73 0.80 18.99
CA HIS C 13 -3.54 1.20 18.25
C HIS C 13 -2.36 1.44 19.19
N VAL C 14 -2.65 2.00 20.36
CA VAL C 14 -1.59 2.26 21.33
C VAL C 14 -1.09 0.93 21.90
N VAL C 15 -2.01 0.04 22.24
CA VAL C 15 -1.63 -1.26 22.78
C VAL C 15 -0.87 -2.06 21.72
N LYS C 16 -1.32 -2.03 20.46
CA LYS C 16 -0.62 -2.77 19.42
C LYS C 16 0.84 -2.31 19.29
N GLY C 17 1.06 -0.99 19.35
CA GLY C 17 2.42 -0.49 19.25
C GLY C 17 3.28 -1.01 20.39
N ALA C 18 2.71 -1.07 21.59
CA ALA C 18 3.44 -1.55 22.75
C ALA C 18 3.74 -3.04 22.60
N VAL C 19 2.79 -3.79 22.05
CA VAL C 19 2.98 -5.21 21.81
C VAL C 19 4.17 -5.44 20.90
N VAL C 20 4.26 -4.69 19.81
CA VAL C 20 5.37 -4.85 18.89
C VAL C 20 6.71 -4.42 19.50
N LYS C 21 6.70 -3.36 20.31
CA LYS C 21 7.95 -2.91 20.93
C LYS C 21 8.51 -4.00 21.84
N VAL C 22 7.65 -4.63 22.62
CA VAL C 22 8.07 -5.67 23.56
C VAL C 22 8.33 -7.04 22.94
N LEU C 23 7.38 -7.50 22.12
CA LEU C 23 7.49 -8.83 21.53
C LEU C 23 8.18 -8.91 20.17
N GLY C 24 8.34 -7.77 19.50
CA GLY C 24 9.01 -7.78 18.22
C GLY C 24 8.15 -8.05 17.00
N SER C 25 8.82 -8.16 15.86
CA SER C 25 8.18 -8.38 14.57
C SER C 25 7.29 -9.61 14.45
N GLU C 26 7.52 -10.62 15.29
CA GLU C 26 6.70 -11.83 15.24
C GLU C 26 5.27 -11.57 15.68
N ALA C 27 5.02 -10.42 16.29
CA ALA C 27 3.68 -10.07 16.76
C ALA C 27 3.08 -8.92 15.96
N LYS C 28 3.68 -8.61 14.81
CA LYS C 28 3.23 -7.50 13.98
C LYS C 28 1.88 -7.58 13.27
N TRP C 29 1.34 -8.78 13.07
CA TRP C 29 0.08 -8.89 12.35
C TRP C 29 -1.15 -9.09 13.22
N THR C 30 -2.05 -8.12 13.18
CA THR C 30 -3.30 -8.19 13.94
C THR C 30 -4.26 -9.17 13.26
N TYR C 31 -4.84 -10.04 14.07
CA TYR C 31 -5.80 -11.04 13.62
C TYR C 31 -7.20 -10.48 13.73
N SER C 32 -7.54 -9.96 14.90
CA SER C 32 -8.87 -9.40 15.13
C SER C 32 -8.87 -8.42 16.29
N THR C 33 -9.87 -7.55 16.33
CA THR C 33 -10.02 -6.60 17.43
C THR C 33 -11.49 -6.53 17.78
N TYR C 34 -11.78 -6.18 19.03
CA TYR C 34 -13.15 -6.09 19.49
C TYR C 34 -13.26 -5.05 20.60
N VAL C 35 -14.28 -4.21 20.51
CA VAL C 35 -14.51 -3.16 21.50
C VAL C 35 -15.95 -3.15 21.98
N LYS C 36 -16.13 -3.06 23.29
CA LYS C 36 -17.46 -2.97 23.87
C LYS C 36 -17.30 -2.13 25.13
N GLY C 37 -17.89 -0.94 25.11
CA GLY C 37 -17.77 -0.06 26.25
C GLY C 37 -16.31 0.32 26.46
N ASN C 38 -15.83 0.16 27.68
CA ASN C 38 -14.44 0.48 28.02
C ASN C 38 -13.55 -0.75 27.97
N LYS C 39 -14.02 -1.82 27.34
CA LYS C 39 -13.25 -3.05 27.23
C LYS C 39 -12.83 -3.31 25.79
N GLY C 40 -11.55 -3.63 25.62
CA GLY C 40 -11.07 -3.91 24.28
C GLY C 40 -10.28 -5.20 24.24
N VAL C 41 -10.22 -5.80 23.05
CA VAL C 41 -9.47 -7.03 22.86
C VAL C 41 -8.67 -6.91 21.58
N LEU C 42 -7.36 -7.15 21.69
CA LEU C 42 -6.47 -7.13 20.55
C LEU C 42 -5.93 -8.55 20.41
N ILE C 43 -6.12 -9.15 19.24
CA ILE C 43 -5.61 -10.48 19.00
C ILE C 43 -4.61 -10.38 17.85
N VAL C 44 -3.38 -10.81 18.10
CA VAL C 44 -2.35 -10.78 17.07
C VAL C 44 -1.82 -12.19 16.85
N LYS C 45 -1.25 -12.42 15.67
CA LYS C 45 -0.63 -13.70 15.40
C LYS C 45 0.67 -13.66 16.20
N PHE C 46 0.97 -14.73 16.91
CA PHE C 46 2.21 -14.78 17.69
C PHE C 46 2.56 -16.25 17.93
N ASP C 47 3.78 -16.52 18.38
CA ASP C 47 4.22 -17.90 18.53
C ASP C 47 4.56 -18.43 19.92
N ARG C 48 4.18 -17.72 20.97
CA ARG C 48 4.46 -18.17 22.33
C ARG C 48 3.68 -17.37 23.35
N LYS C 49 3.59 -17.88 24.57
CA LYS C 49 2.89 -17.19 25.63
C LYS C 49 3.87 -16.22 26.28
N PRO C 50 3.60 -14.91 26.18
CA PRO C 50 4.50 -13.92 26.78
C PRO C 50 4.59 -14.13 28.28
N SER C 51 5.73 -13.74 28.86
CA SER C 51 5.91 -13.88 30.29
C SER C 51 5.09 -12.79 30.97
N ASP C 52 4.88 -12.93 32.28
CA ASP C 52 4.14 -11.94 33.02
C ASP C 52 4.88 -10.60 32.97
N GLU C 53 6.21 -10.67 32.95
CA GLU C 53 7.03 -9.48 32.89
C GLU C 53 6.80 -8.77 31.56
N GLU C 54 6.75 -9.54 30.48
CA GLU C 54 6.51 -8.96 29.16
C GLU C 54 5.14 -8.27 29.10
N ILE C 55 4.12 -8.89 29.68
CA ILE C 55 2.80 -8.28 29.68
C ILE C 55 2.81 -6.98 30.48
N ARG C 56 3.50 -6.99 31.63
CA ARG C 56 3.58 -5.76 32.42
C ARG C 56 4.29 -4.66 31.63
N GLU C 57 5.30 -5.05 30.84
CA GLU C 57 6.03 -4.08 30.04
C GLU C 57 5.14 -3.50 28.94
N ILE C 58 4.28 -4.34 28.37
CA ILE C 58 3.38 -3.86 27.34
C ILE C 58 2.43 -2.83 27.95
N GLU C 59 1.93 -3.12 29.15
CA GLU C 59 1.04 -2.19 29.82
C GLU C 59 1.76 -0.89 30.15
N ARG C 60 3.01 -1.00 30.63
CA ARG C 60 3.79 0.18 30.98
C ARG C 60 4.00 1.09 29.76
N LEU C 61 4.45 0.49 28.65
CA LEU C 61 4.70 1.27 27.45
C LEU C 61 3.42 1.87 26.87
N ALA C 62 2.33 1.12 26.92
CA ALA C 62 1.06 1.65 26.40
C ALA C 62 0.69 2.88 27.21
N ASN C 63 0.79 2.79 28.53
CA ASN C 63 0.44 3.92 29.37
C ASN C 63 1.39 5.10 29.22
N GLU C 64 2.65 4.83 28.94
CA GLU C 64 3.61 5.91 28.73
C GLU C 64 3.26 6.64 27.44
N LYS C 65 2.78 5.92 26.43
CA LYS C 65 2.40 6.55 25.18
C LYS C 65 1.17 7.41 25.38
N VAL C 66 0.27 6.98 26.27
CA VAL C 66 -0.93 7.75 26.56
C VAL C 66 -0.52 9.05 27.25
N LYS C 67 0.34 8.95 28.26
CA LYS C 67 0.79 10.13 29.00
C LYS C 67 1.53 11.12 28.11
N GLU C 68 2.23 10.60 27.11
CA GLU C 68 2.98 11.43 26.17
C GLU C 68 2.03 12.34 25.40
N ASN C 69 0.77 11.92 25.31
CA ASN C 69 -0.27 12.68 24.62
C ASN C 69 0.14 12.99 23.18
N ALA C 70 0.57 11.95 22.46
CA ALA C 70 1.02 12.10 21.09
C ALA C 70 -0.17 12.21 20.13
N PRO C 71 0.03 12.88 18.99
CA PRO C 71 -1.10 12.98 18.07
C PRO C 71 -1.34 11.66 17.36
N ILE C 72 -2.60 11.36 17.09
CA ILE C 72 -2.96 10.17 16.34
C ILE C 72 -3.28 10.75 14.97
N LYS C 73 -2.31 10.70 14.07
CA LYS C 73 -2.45 11.27 12.73
C LYS C 73 -3.21 10.37 11.77
N ILE C 74 -4.01 11.00 10.92
CA ILE C 74 -4.79 10.26 9.93
C ILE C 74 -4.38 10.72 8.54
N TYR C 75 -3.92 9.78 7.72
CA TYR C 75 -3.55 10.09 6.34
C TYR C 75 -4.59 9.43 5.44
N GLU C 76 -5.26 10.23 4.61
CA GLU C 76 -6.25 9.69 3.69
C GLU C 76 -5.69 9.95 2.30
N LEU C 77 -5.31 8.89 1.61
CA LEU C 77 -4.71 9.03 0.29
C LEU C 77 -4.91 7.79 -0.60
N PRO C 78 -4.63 7.91 -1.90
CA PRO C 78 -4.79 6.78 -2.82
C PRO C 78 -4.03 5.56 -2.31
N ARG C 79 -4.63 4.39 -2.45
CA ARG C 79 -4.01 3.16 -1.97
C ARG C 79 -2.58 2.96 -2.45
N GLU C 80 -2.33 3.26 -3.73
CA GLU C 80 -1.00 3.10 -4.29
C GLU C 80 0.03 3.97 -3.58
N GLU C 81 -0.39 5.16 -3.19
CA GLU C 81 0.52 6.09 -2.50
C GLU C 81 0.69 5.70 -1.04
N ALA C 82 -0.35 5.11 -0.45
CA ALA C 82 -0.27 4.66 0.93
C ALA C 82 0.74 3.49 0.97
N GLU C 83 0.68 2.63 -0.04
CA GLU C 83 1.59 1.49 -0.11
C GLU C 83 3.04 1.96 -0.18
N LYS C 84 3.30 2.99 -0.96
CA LYS C 84 4.67 3.51 -1.08
C LYS C 84 5.17 4.08 0.23
N MET C 85 4.37 4.97 0.82
CA MET C 85 4.76 5.64 2.04
C MET C 85 4.82 4.77 3.29
N PHE C 86 3.89 3.84 3.44
CA PHE C 86 3.86 3.02 4.64
C PHE C 86 4.25 1.56 4.47
N GLY C 87 4.05 1.02 3.27
CA GLY C 87 4.40 -0.36 3.03
C GLY C 87 3.44 -1.35 3.68
N GLU C 88 3.82 -2.62 3.65
CA GLU C 88 3.01 -3.70 4.20
C GLU C 88 2.65 -3.59 5.67
N ASP C 89 3.50 -2.92 6.45
CA ASP C 89 3.25 -2.79 7.89
C ASP C 89 1.92 -2.14 8.25
N MET C 90 1.32 -1.42 7.31
CA MET C 90 0.04 -0.77 7.60
C MET C 90 -1.14 -1.74 7.61
N TYR C 91 -0.92 -2.95 7.10
CA TYR C 91 -1.99 -3.91 7.03
C TYR C 91 -2.09 -4.81 8.26
N ASP C 92 -3.24 -5.46 8.37
CA ASP C 92 -3.45 -6.45 9.41
C ASP C 92 -3.15 -7.76 8.69
N LEU C 93 -3.27 -8.89 9.39
CA LEU C 93 -2.98 -10.18 8.77
C LEU C 93 -3.67 -10.32 7.42
N PHE C 94 -4.93 -9.92 7.35
CA PHE C 94 -5.67 -9.95 6.11
C PHE C 94 -5.71 -8.52 5.58
N PRO C 95 -4.97 -8.24 4.49
CA PRO C 95 -4.94 -6.89 3.93
C PRO C 95 -6.31 -6.39 3.47
N VAL C 96 -6.49 -5.08 3.51
CA VAL C 96 -7.75 -4.46 3.09
C VAL C 96 -8.11 -4.96 1.69
N PRO C 97 -9.39 -5.29 1.46
CA PRO C 97 -9.79 -5.78 0.13
C PRO C 97 -9.39 -4.79 -0.97
N GLU C 98 -9.04 -5.33 -2.14
CA GLU C 98 -8.57 -4.51 -3.25
C GLU C 98 -9.56 -3.54 -3.87
N ASP C 99 -10.84 -3.65 -3.53
CA ASP C 99 -11.81 -2.72 -4.08
C ASP C 99 -11.82 -1.40 -3.31
N VAL C 100 -11.02 -1.34 -2.24
CA VAL C 100 -10.89 -0.12 -1.46
C VAL C 100 -9.70 0.61 -2.07
N ARG C 101 -9.95 1.69 -2.80
CA ARG C 101 -8.91 2.42 -3.49
C ARG C 101 -8.35 3.65 -2.79
N ILE C 102 -9.00 4.06 -1.71
CA ILE C 102 -8.55 5.19 -0.92
C ILE C 102 -8.42 4.65 0.50
N LEU C 103 -7.25 4.79 1.09
CA LEU C 103 -7.04 4.29 2.44
C LEU C 103 -6.86 5.40 3.45
N LYS C 104 -7.38 5.15 4.65
CA LYS C 104 -7.21 6.07 5.76
C LYS C 104 -6.20 5.31 6.59
N VAL C 105 -5.04 5.91 6.81
CA VAL C 105 -3.99 5.27 7.58
C VAL C 105 -3.76 6.02 8.88
N VAL C 106 -3.88 5.29 9.98
CA VAL C 106 -3.69 5.84 11.31
C VAL C 106 -2.22 5.74 11.68
N VAL C 107 -1.63 6.86 12.08
CA VAL C 107 -0.22 6.87 12.44
C VAL C 107 0.06 7.49 13.80
N ILE C 108 0.65 6.68 14.68
CA ILE C 108 1.11 7.16 15.97
C ILE C 108 2.60 7.00 15.68
N GLU C 109 3.26 8.12 15.41
CA GLU C 109 4.67 8.09 15.01
C GLU C 109 5.62 7.26 15.84
N ASP C 110 6.41 6.45 15.14
CA ASP C 110 7.41 5.58 15.76
C ASP C 110 6.72 4.57 16.69
N TRP C 111 5.43 4.36 16.49
CA TRP C 111 4.69 3.47 17.36
C TRP C 111 3.79 2.48 16.62
N ASN C 112 2.86 2.99 15.81
CA ASN C 112 1.96 2.13 15.07
C ASN C 112 1.41 2.81 13.83
N VAL C 113 1.38 2.05 12.74
CA VAL C 113 0.87 2.51 11.45
C VAL C 113 -0.16 1.46 11.05
N ASN C 114 -1.39 1.88 10.80
CA ASN C 114 -2.43 0.92 10.48
C ASN C 114 -3.55 1.49 9.62
N ALA C 115 -3.86 0.79 8.52
CA ALA C 115 -4.95 1.17 7.63
C ALA C 115 -6.20 0.85 8.43
N CYS C 116 -6.95 1.88 8.78
CA CYS C 116 -8.16 1.71 9.60
C CYS C 116 -9.14 2.82 9.25
N ASN C 117 -10.39 2.44 8.97
CA ASN C 117 -11.41 3.42 8.60
C ASN C 117 -12.33 3.88 9.73
N LYS C 118 -12.03 3.48 10.95
CA LYS C 118 -12.86 3.84 12.10
C LYS C 118 -12.53 5.20 12.69
N GLU C 119 -13.30 5.61 13.70
CA GLU C 119 -13.09 6.89 14.36
C GLU C 119 -12.04 6.80 15.46
N HIS C 120 -11.26 7.86 15.62
CA HIS C 120 -10.22 7.88 16.65
C HIS C 120 -10.23 9.19 17.41
N THR C 121 -9.56 9.19 18.56
CA THR C 121 -9.43 10.40 19.35
C THR C 121 -8.36 11.19 18.61
N LYS C 122 -8.18 12.45 18.96
CA LYS C 122 -7.17 13.27 18.30
C LYS C 122 -5.77 13.00 18.83
N THR C 123 -5.67 12.69 20.12
CA THR C 123 -4.38 12.42 20.73
C THR C 123 -4.47 11.18 21.62
N THR C 124 -3.31 10.62 21.97
CA THR C 124 -3.30 9.43 22.81
C THR C 124 -3.70 9.74 24.25
N GLY C 125 -3.51 10.98 24.68
CA GLY C 125 -3.87 11.33 26.05
C GLY C 125 -5.35 11.19 26.35
N GLU C 126 -6.18 11.34 25.32
CA GLU C 126 -7.63 11.23 25.48
C GLU C 126 -8.10 9.84 25.87
N ILE C 127 -7.23 8.85 25.70
CA ILE C 127 -7.55 7.48 26.04
C ILE C 127 -7.62 7.26 27.55
N GLY C 128 -6.68 7.84 28.27
CA GLY C 128 -6.66 7.68 29.71
C GLY C 128 -5.91 6.40 30.06
N PRO C 129 -5.76 6.10 31.36
CA PRO C 129 -5.06 4.89 31.82
C PRO C 129 -5.65 3.58 31.28
N ILE C 130 -4.75 2.68 30.92
CA ILE C 130 -5.11 1.38 30.37
C ILE C 130 -4.65 0.29 31.33
N LYS C 131 -5.49 -0.71 31.54
CA LYS C 131 -5.15 -1.83 32.40
C LYS C 131 -5.33 -3.11 31.61
N ILE C 132 -4.27 -3.91 31.51
CA ILE C 132 -4.36 -5.18 30.81
C ILE C 132 -4.97 -6.19 31.76
N ARG C 133 -6.03 -6.85 31.30
CA ARG C 133 -6.70 -7.85 32.10
C ARG C 133 -6.27 -9.22 31.60
N LYS C 134 -7.19 -10.02 31.09
CA LYS C 134 -6.84 -11.35 30.62
C LYS C 134 -5.93 -11.38 29.40
N VAL C 135 -4.99 -12.33 29.42
CA VAL C 135 -4.07 -12.53 28.32
C VAL C 135 -4.12 -14.02 28.04
N ARG C 136 -4.47 -14.39 26.82
CA ARG C 136 -4.57 -15.79 26.45
C ARG C 136 -3.79 -16.12 25.19
N PHE C 137 -2.99 -17.17 25.26
CA PHE C 137 -2.25 -17.60 24.10
C PHE C 137 -2.88 -18.90 23.62
N ARG C 138 -3.37 -18.89 22.39
CA ARG C 138 -4.00 -20.06 21.79
C ARG C 138 -2.90 -20.78 21.02
N LYS C 139 -2.35 -21.84 21.64
CA LYS C 139 -1.25 -22.62 21.08
C LYS C 139 -1.42 -23.16 19.67
N SER C 140 -2.46 -23.95 19.44
CA SER C 140 -2.66 -24.53 18.12
C SER C 140 -2.91 -23.51 17.02
N LYS C 141 -3.58 -22.41 17.36
CA LYS C 141 -3.90 -21.37 16.38
C LYS C 141 -2.84 -20.29 16.22
N GLY C 142 -1.87 -20.26 17.14
CA GLY C 142 -0.83 -19.26 17.06
C GLY C 142 -1.38 -17.85 17.21
N LEU C 143 -2.26 -17.67 18.18
CA LEU C 143 -2.88 -16.37 18.42
C LEU C 143 -2.72 -15.90 19.86
N LEU C 144 -2.42 -14.62 20.03
CA LEU C 144 -2.27 -14.01 21.35
C LEU C 144 -3.38 -12.99 21.55
N GLU C 145 -4.22 -13.25 22.55
CA GLU C 145 -5.34 -12.37 22.89
C GLU C 145 -5.01 -11.49 24.09
N ILE C 146 -5.13 -10.18 23.91
CA ILE C 146 -4.86 -9.27 24.99
C ILE C 146 -6.12 -8.46 25.31
N HIS C 147 -6.69 -8.70 26.49
CA HIS C 147 -7.89 -7.98 26.91
C HIS C 147 -7.46 -6.83 27.79
N PHE C 148 -8.01 -5.65 27.53
CA PHE C 148 -7.65 -4.50 28.34
C PHE C 148 -8.87 -3.64 28.63
N GLU C 149 -8.72 -2.74 29.60
CA GLU C 149 -9.80 -1.87 30.01
C GLU C 149 -9.34 -0.45 30.22
N LEU C 150 -10.21 0.50 29.87
CA LEU C 150 -9.92 1.92 30.06
C LEU C 150 -10.46 2.22 31.47
N LEU C 151 -9.56 2.58 32.38
CA LEU C 151 -9.95 2.85 33.77
C LEU C 151 -10.79 4.10 34.01
N GLU C 152 -10.71 5.09 33.12
CA GLU C 152 -11.50 6.30 33.28
C GLU C 152 -12.69 6.32 32.33
N LEU C 153 -13.90 6.19 32.88
CA LEU C 153 -15.11 6.20 32.08
C LEU C 153 -15.38 7.56 31.47
N GLU C 154 -15.04 8.62 32.20
CA GLU C 154 -15.24 9.98 31.70
C GLU C 154 -13.99 10.42 30.96
N ASN C 155 -14.16 11.36 30.02
CA ASN C 155 -13.03 11.86 29.24
C ASN C 155 -11.93 12.37 30.17
ZN ZN D . -3.77 -20.91 -10.79
ZN ZN E . 6.19 19.12 -8.98
ZN ZN F . -8.39 2.49 14.23
#